data_1TQR
#
_entry.id   1TQR
#
loop_
_entity.id
_entity.type
_entity.pdbx_description
1 polymer 'DNA HIV-1 U5 LTR extremity'
2 polymer 'DNA HIV-1 U5 LTR extremity'
#
loop_
_entity_poly.entity_id
_entity_poly.type
_entity_poly.pdbx_seq_one_letter_code
_entity_poly.pdbx_strand_id
1 'polydeoxyribonucleotide' (DG)(DG)(DA)(DA)(DA)(DA)(DT)(DC)(DT)(DC)(DT)(DA)(DG)(DC)(DA)(DG)(DT) A
2 'polydeoxyribonucleotide' (DA)(DC)(DT)(DG)(DC)(DT)(DA)(DG)(DA)(DG)(DA)(DT)(DT)(DT)(DT)(DC)(DC) B
#
loop_
_chem_comp.id
_chem_comp.type
_chem_comp.name
_chem_comp.formula
DA DNA linking 2'-DEOXYADENOSINE-5'-MONOPHOSPHATE 'C10 H14 N5 O6 P'
DC DNA linking 2'-DEOXYCYTIDINE-5'-MONOPHOSPHATE 'C9 H14 N3 O7 P'
DG DNA linking 2'-DEOXYGUANOSINE-5'-MONOPHOSPHATE 'C10 H14 N5 O7 P'
DT DNA linking THYMIDINE-5'-MONOPHOSPHATE 'C10 H15 N2 O8 P'
#